data_8KC0
#
_entry.id   8KC0
#
_cell.length_a   46.160
_cell.length_b   46.160
_cell.length_c   127.157
_cell.angle_alpha   90.000
_cell.angle_beta   90.000
_cell.angle_gamma   90.000
#
_symmetry.space_group_name_H-M   'P 43 21 2'
#
loop_
_entity.id
_entity.type
_entity.pdbx_description
1 polymer 'De novo design protein -NB8'
2 water water
#
_entity_poly.entity_id   1
_entity_poly.type   'polypeptide(L)'
_entity_poly.pdbx_seq_one_letter_code
;GEEIKETFEVDDLDEALRLSAEKIIEEMKKWGVTEFDLKFYGKDDELAKKAKEVIEEAAKKAGVKVKSEFLYDENKDKIT
LELTGPNGVKVTSEISKDGIKSTVERPDRKVTLTFKLEHHHHHH
;
_entity_poly.pdbx_strand_id   A
#
# COMPACT_ATOMS: atom_id res chain seq x y z
N GLU A 3 -15.21 12.28 -0.77
CA GLU A 3 -14.77 11.07 -1.46
C GLU A 3 -14.05 11.39 -2.78
N ILE A 4 -12.73 11.22 -2.80
CA ILE A 4 -11.90 11.64 -3.92
C ILE A 4 -11.24 10.43 -4.55
N LYS A 5 -11.32 10.35 -5.88
CA LYS A 5 -10.63 9.35 -6.69
C LYS A 5 -9.49 10.00 -7.45
N GLU A 6 -8.30 9.39 -7.38
CA GLU A 6 -7.12 9.83 -8.12
C GLU A 6 -6.59 8.69 -8.97
N THR A 7 -6.24 9.00 -10.22
CA THR A 7 -5.80 8.00 -11.17
C THR A 7 -4.46 8.41 -11.77
N PHE A 8 -3.51 7.48 -11.77
CA PHE A 8 -2.19 7.73 -12.33
C PHE A 8 -1.87 6.70 -13.41
N GLU A 9 -0.96 7.10 -14.31
CA GLU A 9 -0.44 6.23 -15.34
C GLU A 9 1.03 5.98 -15.07
N VAL A 10 1.41 4.70 -14.98
CA VAL A 10 2.78 4.26 -14.81
C VAL A 10 3.15 3.32 -15.95
N ASP A 11 4.44 3.23 -16.24
CA ASP A 11 4.86 2.32 -17.30
C ASP A 11 4.75 0.86 -16.87
N ASP A 12 5.12 0.52 -15.63
CA ASP A 12 5.20 -0.87 -15.22
C ASP A 12 4.80 -1.05 -13.76
N LEU A 13 4.60 -2.32 -13.37
CA LEU A 13 4.17 -2.63 -12.01
C LEU A 13 5.18 -2.15 -10.98
N ASP A 14 6.47 -2.15 -11.33
CA ASP A 14 7.50 -1.61 -10.44
C ASP A 14 7.25 -0.14 -10.14
N GLU A 15 6.93 0.66 -11.16
CA GLU A 15 6.61 2.07 -10.93
C GLU A 15 5.33 2.20 -10.13
N ALA A 16 4.34 1.34 -10.41
CA ALA A 16 3.11 1.36 -9.64
C ALA A 16 3.39 1.14 -8.16
N LEU A 17 4.27 0.20 -7.83
CA LEU A 17 4.58 -0.08 -6.44
C LEU A 17 5.26 1.11 -5.77
N ARG A 18 6.18 1.77 -6.48
CA ARG A 18 6.92 2.89 -5.91
C ARG A 18 6.02 4.10 -5.69
N LEU A 19 5.26 4.49 -6.71
CA LEU A 19 4.39 5.65 -6.56
C LEU A 19 3.31 5.41 -5.51
N SER A 20 2.73 4.20 -5.49
CA SER A 20 1.66 3.93 -4.52
C SER A 20 2.19 3.94 -3.09
N ALA A 21 3.37 3.37 -2.86
CA ALA A 21 3.94 3.39 -1.52
C ALA A 21 4.21 4.82 -1.07
N GLU A 22 4.76 5.64 -1.97
CA GLU A 22 5.03 7.03 -1.63
C GLU A 22 3.75 7.78 -1.27
N LYS A 23 2.71 7.65 -2.10
CA LYS A 23 1.48 8.39 -1.84
C LYS A 23 0.76 7.86 -0.60
N ILE A 24 0.83 6.56 -0.36
CA ILE A 24 0.22 5.98 0.85
C ILE A 24 0.89 6.53 2.10
N ILE A 25 2.22 6.53 2.11
CA ILE A 25 2.95 7.07 3.25
C ILE A 25 2.65 8.55 3.41
N GLU A 26 2.49 9.26 2.29
CA GLU A 26 2.15 10.68 2.31
C GLU A 26 0.86 10.92 3.08
N GLU A 27 -0.21 10.21 2.72
CA GLU A 27 -1.51 10.46 3.33
C GLU A 27 -1.50 10.10 4.81
N MET A 28 -0.79 9.04 5.17
CA MET A 28 -0.66 8.67 6.57
C MET A 28 0.17 9.70 7.32
N LYS A 29 1.26 10.17 6.72
CA LYS A 29 2.05 11.24 7.32
C LYS A 29 1.23 12.51 7.50
N LYS A 30 0.28 12.77 6.58
CA LYS A 30 -0.62 13.90 6.73
C LYS A 30 -1.46 13.77 8.00
N TRP A 31 -1.95 12.56 8.28
CA TRP A 31 -2.83 12.32 9.41
C TRP A 31 -2.07 12.01 10.70
N GLY A 32 -0.81 12.43 10.80
CA GLY A 32 -0.03 12.26 12.01
C GLY A 32 0.21 10.81 12.42
N VAL A 33 0.59 9.96 11.47
CA VAL A 33 0.87 8.56 11.72
C VAL A 33 2.38 8.38 11.78
N THR A 34 2.88 7.85 12.91
CA THR A 34 4.30 7.57 13.05
C THR A 34 4.65 6.09 12.93
N GLU A 35 3.67 5.20 13.07
CA GLU A 35 3.88 3.77 12.91
C GLU A 35 2.56 3.12 12.53
N PHE A 36 2.64 2.03 11.76
CA PHE A 36 1.42 1.35 11.36
C PHE A 36 1.69 -0.15 11.22
N ASP A 37 0.61 -0.93 11.35
CA ASP A 37 0.65 -2.37 11.16
C ASP A 37 0.30 -2.71 9.71
N LEU A 38 1.12 -3.56 9.11
CA LEU A 38 0.94 -4.02 7.73
C LEU A 38 0.62 -5.51 7.74
N LYS A 39 -0.45 -5.88 7.04
CA LYS A 39 -0.79 -7.27 6.78
C LYS A 39 -0.81 -7.49 5.28
N PHE A 40 -0.12 -8.54 4.85
CA PHE A 40 0.01 -8.90 3.44
C PHE A 40 -0.68 -10.25 3.20
N TYR A 41 -1.47 -10.33 2.13
CA TYR A 41 -2.13 -11.55 1.69
C TYR A 41 -1.76 -11.78 0.23
N GLY A 42 -1.11 -12.90 -0.05
CA GLY A 42 -0.73 -13.22 -1.42
C GLY A 42 0.26 -14.38 -1.45
N LYS A 43 0.77 -14.64 -2.66
CA LYS A 43 1.75 -15.69 -2.89
C LYS A 43 3.08 -15.35 -2.25
N ASP A 44 3.85 -16.40 -1.92
CA ASP A 44 5.23 -16.27 -1.45
C ASP A 44 6.14 -16.32 -2.67
N ASP A 45 6.38 -15.16 -3.29
CA ASP A 45 7.13 -15.12 -4.53
C ASP A 45 7.89 -13.80 -4.63
N GLU A 46 8.39 -13.51 -5.85
CA GLU A 46 9.21 -12.32 -6.07
C GLU A 46 8.40 -11.03 -5.92
N LEU A 47 7.17 -11.01 -6.39
CA LEU A 47 6.31 -9.83 -6.23
C LEU A 47 6.13 -9.48 -4.77
N ALA A 48 5.93 -10.50 -3.92
CA ALA A 48 5.76 -10.25 -2.49
C ALA A 48 6.99 -9.60 -1.89
N LYS A 49 8.18 -10.07 -2.28
CA LYS A 49 9.41 -9.48 -1.77
C LYS A 49 9.56 -8.03 -2.25
N LYS A 50 9.21 -7.76 -3.51
CA LYS A 50 9.31 -6.41 -4.03
C LYS A 50 8.39 -5.46 -3.28
N ALA A 51 7.13 -5.88 -3.07
CA ALA A 51 6.18 -5.03 -2.34
C ALA A 51 6.68 -4.72 -0.93
N LYS A 52 7.29 -5.70 -0.26
CA LYS A 52 7.81 -5.46 1.08
C LYS A 52 8.90 -4.40 1.08
N GLU A 53 9.91 -4.57 0.21
CA GLU A 53 11.05 -3.65 0.22
C GLU A 53 10.64 -2.25 -0.19
N VAL A 54 9.71 -2.13 -1.13
CA VAL A 54 9.30 -0.80 -1.59
C VAL A 54 8.60 -0.04 -0.47
N ILE A 55 7.69 -0.70 0.24
CA ILE A 55 7.01 -0.06 1.36
C ILE A 55 7.98 0.23 2.50
N GLU A 56 8.83 -0.75 2.85
CA GLU A 56 9.78 -0.54 3.94
C GLU A 56 10.77 0.58 3.61
N GLU A 57 11.26 0.63 2.38
CA GLU A 57 12.13 1.73 1.99
C GLU A 57 11.40 3.06 2.05
N ALA A 58 10.14 3.09 1.58
CA ALA A 58 9.37 4.33 1.58
C ALA A 58 9.03 4.79 2.99
N ALA A 59 8.67 3.85 3.87
CA ALA A 59 8.43 4.20 5.27
C ALA A 59 9.71 4.68 5.95
N LYS A 60 10.85 4.04 5.64
CA LYS A 60 12.11 4.43 6.26
C LYS A 60 12.48 5.87 5.88
N LYS A 61 12.31 6.24 4.61
CA LYS A 61 12.64 7.59 4.19
C LYS A 61 11.76 8.62 4.89
N ALA A 62 10.55 8.23 5.25
CA ALA A 62 9.62 9.12 5.94
C ALA A 62 9.71 9.02 7.46
N GLY A 63 10.62 8.21 7.99
CA GLY A 63 10.72 8.05 9.43
C GLY A 63 9.49 7.40 10.05
N VAL A 64 8.88 6.47 9.34
CA VAL A 64 7.68 5.76 9.81
C VAL A 64 8.05 4.30 10.06
N LYS A 65 7.64 3.77 11.20
CA LYS A 65 7.90 2.38 11.54
C LYS A 65 6.75 1.48 11.09
N VAL A 66 7.09 0.31 10.58
CA VAL A 66 6.10 -0.66 10.11
C VAL A 66 6.26 -1.96 10.88
N LYS A 67 5.14 -2.60 11.16
CA LYS A 67 5.11 -3.91 11.82
C LYS A 67 4.40 -4.86 10.86
N SER A 68 5.18 -5.68 10.16
CA SER A 68 4.69 -6.42 9.00
C SER A 68 4.35 -7.86 9.36
N GLU A 69 3.18 -8.31 8.91
CA GLU A 69 2.80 -9.72 8.97
C GLU A 69 2.44 -10.18 7.57
N PHE A 70 3.08 -11.24 7.11
CA PHE A 70 2.78 -11.84 5.81
C PHE A 70 2.03 -13.14 6.03
N LEU A 71 0.80 -13.20 5.53
CA LEU A 71 -0.05 -14.39 5.56
C LEU A 71 -0.07 -14.97 4.15
N TYR A 72 0.84 -15.90 3.89
CA TYR A 72 1.03 -16.40 2.53
C TYR A 72 -0.08 -17.38 2.16
N ASP A 73 -0.58 -17.24 0.94
CA ASP A 73 -1.61 -18.15 0.41
C ASP A 73 -1.38 -18.24 -1.09
N GLU A 74 -0.87 -19.40 -1.52
CA GLU A 74 -0.51 -19.63 -2.91
C GLU A 74 -1.73 -19.65 -3.85
N ASN A 75 -2.93 -19.81 -3.31
CA ASN A 75 -4.12 -19.82 -4.16
C ASN A 75 -4.53 -18.42 -4.60
N LYS A 76 -4.01 -17.38 -3.95
CA LYS A 76 -4.38 -16.00 -4.26
C LYS A 76 -3.58 -15.54 -5.48
N ASP A 77 -4.30 -15.14 -6.54
CA ASP A 77 -3.64 -14.62 -7.73
C ASP A 77 -3.35 -13.13 -7.63
N LYS A 78 -3.82 -12.46 -6.58
CA LYS A 78 -3.54 -11.04 -6.41
C LYS A 78 -3.16 -10.79 -4.96
N ILE A 79 -2.50 -9.65 -4.76
CA ILE A 79 -2.00 -9.26 -3.44
C ILE A 79 -2.96 -8.24 -2.84
N THR A 80 -3.36 -8.48 -1.60
CA THR A 80 -4.07 -7.52 -0.77
C THR A 80 -3.17 -7.10 0.38
N LEU A 81 -3.00 -5.79 0.53
CA LEU A 81 -2.27 -5.18 1.64
C LEU A 81 -3.24 -4.39 2.50
N GLU A 82 -3.18 -4.60 3.81
CA GLU A 82 -3.99 -3.86 4.77
C GLU A 82 -3.04 -3.16 5.74
N LEU A 83 -3.03 -1.83 5.70
CA LEU A 83 -2.23 -1.03 6.61
C LEU A 83 -3.19 -0.37 7.59
N THR A 84 -3.02 -0.66 8.87
CA THR A 84 -3.85 -0.07 9.92
C THR A 84 -2.99 0.88 10.74
N GLY A 85 -3.49 2.10 10.94
CA GLY A 85 -2.84 3.06 11.78
C GLY A 85 -3.76 3.50 12.90
N PRO A 86 -3.22 4.25 13.85
CA PRO A 86 -4.05 4.72 14.97
C PRO A 86 -5.08 5.75 14.52
N ASN A 87 -6.09 5.92 15.37
CA ASN A 87 -7.18 6.87 15.15
C ASN A 87 -7.91 6.60 13.83
N GLY A 88 -8.06 5.33 13.49
CA GLY A 88 -8.91 4.93 12.39
C GLY A 88 -8.29 4.98 11.01
N VAL A 89 -6.99 5.22 10.89
CA VAL A 89 -6.35 5.26 9.58
C VAL A 89 -6.23 3.85 9.03
N LYS A 90 -6.80 3.63 7.84
CA LYS A 90 -6.84 2.32 7.20
C LYS A 90 -6.52 2.50 5.73
N VAL A 91 -5.62 1.66 5.22
CA VAL A 91 -5.30 1.62 3.79
C VAL A 91 -5.45 0.20 3.31
N THR A 92 -6.14 0.02 2.19
CA THR A 92 -6.22 -1.27 1.52
C THR A 92 -5.68 -1.11 0.10
N SER A 93 -4.66 -1.90 -0.23
CA SER A 93 -4.00 -1.86 -1.53
C SER A 93 -4.13 -3.23 -2.18
N GLU A 94 -4.70 -3.26 -3.38
CA GLU A 94 -4.81 -4.46 -4.20
C GLU A 94 -3.81 -4.38 -5.35
N ILE A 95 -2.97 -5.41 -5.46
CA ILE A 95 -1.89 -5.47 -6.44
C ILE A 95 -2.11 -6.67 -7.33
N SER A 96 -2.18 -6.43 -8.64
CA SER A 96 -2.39 -7.46 -9.64
C SER A 96 -1.56 -7.13 -10.87
N LYS A 97 -1.66 -7.97 -11.89
CA LYS A 97 -0.94 -7.74 -13.13
C LYS A 97 -1.42 -6.48 -13.83
N ASP A 98 -2.65 -6.04 -13.56
CA ASP A 98 -3.23 -4.85 -14.17
C ASP A 98 -2.80 -3.55 -13.50
N GLY A 99 -2.13 -3.63 -12.36
CA GLY A 99 -1.72 -2.44 -11.64
C GLY A 99 -2.12 -2.51 -10.18
N ILE A 100 -2.35 -1.34 -9.59
CA ILE A 100 -2.62 -1.22 -8.15
C ILE A 100 -3.83 -0.30 -7.96
N LYS A 101 -4.70 -0.68 -7.04
CA LYS A 101 -5.79 0.16 -6.54
C LYS A 101 -5.66 0.24 -5.03
N SER A 102 -5.54 1.47 -4.52
CA SER A 102 -5.37 1.69 -3.08
C SER A 102 -6.50 2.56 -2.56
N THR A 103 -7.13 2.11 -1.49
CA THR A 103 -8.23 2.80 -0.84
C THR A 103 -7.71 3.30 0.50
N VAL A 104 -7.52 4.62 0.62
CA VAL A 104 -6.99 5.22 1.84
C VAL A 104 -8.17 5.81 2.59
N GLU A 105 -8.40 5.32 3.80
CA GLU A 105 -9.58 5.70 4.58
C GLU A 105 -9.18 6.39 5.88
N ARG A 106 -9.68 7.61 6.07
CA ARG A 106 -9.65 8.41 7.27
C ARG A 106 -11.08 8.74 7.67
N PRO A 107 -11.36 8.97 8.95
CA PRO A 107 -12.68 9.49 9.31
C PRO A 107 -13.03 10.73 8.51
N ASP A 108 -14.13 10.66 7.76
CA ASP A 108 -14.60 11.74 6.88
C ASP A 108 -13.63 12.05 5.75
N ARG A 109 -12.89 11.04 5.27
CA ARG A 109 -12.01 11.24 4.12
C ARG A 109 -11.71 9.88 3.48
N LYS A 110 -12.19 9.68 2.26
CA LYS A 110 -11.93 8.47 1.49
C LYS A 110 -11.23 8.85 0.20
N VAL A 111 -9.99 8.38 0.03
CA VAL A 111 -9.22 8.59 -1.19
C VAL A 111 -9.00 7.23 -1.84
N THR A 112 -9.36 7.12 -3.11
CA THR A 112 -9.10 5.93 -3.91
C THR A 112 -8.06 6.28 -4.98
N LEU A 113 -6.93 5.59 -4.91
CA LEU A 113 -5.81 5.82 -5.82
C LEU A 113 -5.70 4.64 -6.78
N THR A 114 -5.75 4.92 -8.07
CA THR A 114 -5.61 3.88 -9.08
C THR A 114 -4.30 4.12 -9.82
N PHE A 115 -3.54 3.06 -10.02
CA PHE A 115 -2.27 3.14 -10.73
C PHE A 115 -2.35 2.19 -11.91
N LYS A 116 -2.58 2.75 -13.10
CA LYS A 116 -2.92 1.99 -14.29
C LYS A 116 -1.68 1.73 -15.14
N LEU A 117 -1.67 0.55 -15.77
CA LEU A 117 -0.57 0.07 -16.61
C LEU A 117 0.73 -0.05 -15.83
#